data_3KR7
#
_entry.id   3KR7
#
_cell.length_a   66.847
_cell.length_b   66.847
_cell.length_c   118.047
_cell.angle_alpha   90.00
_cell.angle_beta   90.00
_cell.angle_gamma   90.00
#
_symmetry.space_group_name_H-M   'P 41 21 2'
#
loop_
_entity.id
_entity.type
_entity.pdbx_description
1 polymer Tankyrase-2
2 non-polymer 'ZINC ION'
3 non-polymer 'SULFATE ION'
4 non-polymer GLYCEROL
5 water water
#
_entity_poly.entity_id   1
_entity_poly.type   'polypeptide(L)'
_entity_poly.pdbx_seq_one_letter_code
;MHHHHHHSSGVDLGTENLYFQSMLNTSGSGTILIDLSPDDKEFQSVEEEMQSTVREHRDGGHAGGIFNRYNILKIQKVCN
KKLWERYTHRRKEVSEENHNHANERMLFHGSPFVNAIIHKGFDERHAYIGGMFGAGIYFAENSSKSNQYVYGIGGGTGCP
VHKDRSCYICHRQLLFCRVTLGKSFLQFSAMKMAHSPPGHHSVTGRPSVNGLALAEYVIYRGEQAYPEYLITYQIMRPEG
;
_entity_poly.pdbx_strand_id   A
#
loop_
_chem_comp.id
_chem_comp.type
_chem_comp.name
_chem_comp.formula
GOL non-polymer GLYCEROL 'C3 H8 O3'
SO4 non-polymer 'SULFATE ION' 'O4 S -2'
ZN non-polymer 'ZINC ION' 'Zn 2'
#
# COMPACT_ATOMS: atom_id res chain seq x y z
N GLY A 30 -18.61 9.92 -5.31
CA GLY A 30 -18.67 8.85 -6.33
C GLY A 30 -18.29 7.48 -5.81
N THR A 31 -17.79 7.41 -4.59
CA THR A 31 -17.29 6.15 -4.05
C THR A 31 -18.34 5.46 -3.19
N ILE A 32 -18.53 4.16 -3.42
CA ILE A 32 -19.25 3.34 -2.48
C ILE A 32 -18.34 2.19 -2.04
N LEU A 33 -18.57 1.75 -0.82
CA LEU A 33 -17.79 0.74 -0.17
C LEU A 33 -18.70 -0.45 0.06
N ILE A 34 -18.33 -1.60 -0.50
CA ILE A 34 -19.14 -2.83 -0.38
C ILE A 34 -18.44 -3.77 0.56
N ASP A 35 -19.11 -4.06 1.67
CA ASP A 35 -18.63 -5.01 2.69
C ASP A 35 -18.52 -6.44 2.13
N LEU A 36 -17.38 -7.09 2.33
CA LEU A 36 -17.23 -8.47 1.92
C LEU A 36 -17.46 -9.39 3.13
N SER A 37 -18.14 -10.50 2.91
CA SER A 37 -18.38 -11.48 3.98
C SER A 37 -17.13 -12.28 4.20
N PRO A 38 -16.78 -12.56 5.48
CA PRO A 38 -15.68 -13.47 5.78
C PRO A 38 -15.85 -14.83 5.09
N ASP A 39 -17.07 -15.19 4.68
CA ASP A 39 -17.29 -16.45 3.95
C ASP A 39 -17.02 -16.32 2.46
N ASP A 40 -16.87 -15.10 1.96
CA ASP A 40 -16.63 -14.86 0.56
C ASP A 40 -15.16 -15.18 0.26
N LYS A 41 -14.92 -15.94 -0.80
CA LYS A 41 -13.56 -16.32 -1.19
C LYS A 41 -12.64 -15.07 -1.42
N GLU A 42 -13.26 -13.96 -1.81
CA GLU A 42 -12.54 -12.74 -2.13
C GLU A 42 -11.99 -12.13 -0.82
N PHE A 43 -12.79 -12.15 0.24
CA PHE A 43 -12.37 -11.74 1.58
C PHE A 43 -11.22 -12.62 2.01
N GLN A 44 -11.39 -13.92 1.84
CA GLN A 44 -10.37 -14.83 2.28
C GLN A 44 -9.06 -14.69 1.52
N SER A 45 -9.10 -14.39 0.22
CA SER A 45 -7.83 -14.26 -0.51
C SER A 45 -7.10 -12.96 -0.09
N VAL A 46 -7.86 -11.91 0.17
CA VAL A 46 -7.28 -10.64 0.62
C VAL A 46 -6.70 -10.78 2.02
N GLU A 47 -7.44 -11.43 2.94
CA GLU A 47 -6.91 -11.66 4.28
C GLU A 47 -5.63 -12.45 4.17
N GLU A 48 -5.60 -13.46 3.30
CA GLU A 48 -4.41 -14.29 3.26
C GLU A 48 -3.14 -13.53 2.81
N GLU A 49 -3.30 -12.63 1.85
CA GLU A 49 -2.21 -11.79 1.42
C GLU A 49 -1.76 -10.82 2.52
N MET A 50 -2.69 -10.26 3.29
CA MET A 50 -2.32 -9.49 4.51
C MET A 50 -1.48 -10.27 5.52
N GLN A 51 -2.01 -11.39 5.94
CA GLN A 51 -1.42 -12.17 7.03
C GLN A 51 -0.10 -12.77 6.56
N SER A 52 -0.05 -13.28 5.32
CA SER A 52 1.13 -14.06 4.88
C SER A 52 2.34 -13.20 4.58
N THR A 53 2.16 -11.88 4.48
CA THR A 53 3.28 -10.98 4.14
C THR A 53 3.73 -10.10 5.31
N VAL A 54 3.32 -10.44 6.53
CA VAL A 54 3.92 -9.87 7.75
C VAL A 54 5.37 -10.38 7.82
N ARG A 55 6.30 -9.49 8.10
CA ARG A 55 7.67 -9.86 8.47
C ARG A 55 8.13 -9.14 9.73
N GLU A 56 9.28 -9.55 10.26
CA GLU A 56 9.94 -8.82 11.33
C GLU A 56 10.58 -7.56 10.74
N HIS A 57 10.60 -6.48 11.53
CA HIS A 57 11.21 -5.25 11.05
C HIS A 57 12.47 -4.90 11.89
N ARG A 58 13.44 -4.28 11.24
CA ARG A 58 14.75 -4.02 11.86
C ARG A 58 14.68 -2.97 12.99
N ASP A 59 13.60 -2.21 13.10
CA ASP A 59 13.37 -1.29 14.18
C ASP A 59 12.77 -1.90 15.45
N GLY A 60 12.65 -3.23 15.48
CA GLY A 60 12.12 -3.93 16.60
C GLY A 60 10.66 -3.61 16.89
N GLY A 61 9.94 -3.04 15.92
CA GLY A 61 8.51 -2.67 16.09
C GLY A 61 8.30 -1.18 16.37
N HIS A 62 9.39 -0.41 16.35
CA HIS A 62 9.30 0.99 16.71
C HIS A 62 8.23 1.75 15.96
N ALA A 63 8.26 1.67 14.62
CA ALA A 63 7.34 2.39 13.77
C ALA A 63 5.89 1.83 13.78
N GLY A 64 5.78 0.51 13.60
CA GLY A 64 4.50 -0.16 13.32
C GLY A 64 3.91 -0.95 14.45
N GLY A 65 4.70 -1.18 15.50
CA GLY A 65 4.31 -2.04 16.57
C GLY A 65 4.86 -3.45 16.53
N ILE A 66 4.68 -4.16 17.64
CA ILE A 66 5.17 -5.52 17.77
C ILE A 66 4.05 -6.53 17.54
N PHE A 67 4.19 -7.34 16.50
CA PHE A 67 3.13 -8.30 16.11
C PHE A 67 3.64 -9.27 15.07
N ASN A 68 3.02 -10.45 15.04
CA ASN A 68 3.24 -11.45 14.01
C ASN A 68 2.04 -11.63 13.10
N ARG A 69 0.91 -11.08 13.48
CA ARG A 69 -0.33 -11.25 12.71
C ARG A 69 -1.36 -10.22 13.13
N TYR A 70 -2.39 -10.12 12.28
CA TYR A 70 -3.49 -9.21 12.46
C TYR A 70 -4.81 -9.90 12.88
N ASN A 71 -5.66 -9.12 13.53
CA ASN A 71 -7.12 -9.36 13.64
C ASN A 71 -7.81 -8.53 12.55
N ILE A 72 -8.26 -9.16 11.51
CA ILE A 72 -8.92 -8.46 10.41
C ILE A 72 -10.39 -8.23 10.85
N LEU A 73 -10.83 -6.99 10.83
CA LEU A 73 -12.15 -6.62 11.33
C LEU A 73 -13.16 -6.40 10.18
N LYS A 74 -12.68 -5.97 9.03
CA LYS A 74 -13.54 -5.65 7.91
C LYS A 74 -12.71 -5.55 6.66
N ILE A 75 -13.24 -6.04 5.53
CA ILE A 75 -12.68 -5.79 4.21
C ILE A 75 -13.78 -5.25 3.29
N GLN A 76 -13.56 -4.05 2.77
CA GLN A 76 -14.51 -3.43 1.87
C GLN A 76 -13.92 -3.22 0.48
N LYS A 77 -14.69 -3.59 -0.53
CA LYS A 77 -14.40 -3.28 -1.90
C LYS A 77 -14.74 -1.80 -2.18
N VAL A 78 -13.77 -1.07 -2.73
CA VAL A 78 -13.89 0.35 -3.07
C VAL A 78 -14.36 0.44 -4.51
N CYS A 79 -15.50 1.10 -4.76
CA CYS A 79 -16.09 1.15 -6.11
CA CYS A 79 -16.08 1.15 -6.11
C CYS A 79 -16.33 2.61 -6.52
N ASN A 80 -15.66 3.03 -7.60
CA ASN A 80 -15.73 4.40 -8.09
C ASN A 80 -15.41 4.37 -9.56
N LYS A 81 -16.46 4.53 -10.38
CA LYS A 81 -16.38 4.37 -11.83
C LYS A 81 -15.39 5.34 -12.44
N LYS A 82 -15.42 6.60 -12.00
CA LYS A 82 -14.48 7.60 -12.51
C LYS A 82 -13.02 7.30 -12.19
N LEU A 83 -12.74 6.95 -10.93
CA LEU A 83 -11.38 6.60 -10.56
C LEU A 83 -10.90 5.34 -11.30
N TRP A 84 -11.81 4.39 -11.50
CA TRP A 84 -11.44 3.15 -12.20
C TRP A 84 -11.08 3.44 -13.65
N GLU A 85 -11.89 4.25 -14.31
CA GLU A 85 -11.64 4.60 -15.71
C GLU A 85 -10.36 5.42 -15.95
N ARG A 86 -10.00 6.24 -14.96
CA ARG A 86 -8.74 6.96 -14.92
C ARG A 86 -7.58 5.94 -14.86
N TYR A 87 -7.75 4.93 -14.01
CA TYR A 87 -6.77 3.88 -13.84
C TYR A 87 -6.62 3.08 -15.13
N THR A 88 -7.72 2.59 -15.68
CA THR A 88 -7.61 1.72 -16.85
C THR A 88 -7.11 2.46 -18.11
N HIS A 89 -7.37 3.77 -18.18
CA HIS A 89 -6.89 4.59 -19.30
C HIS A 89 -5.37 4.69 -19.24
N ARG A 90 -4.83 5.01 -18.07
CA ARG A 90 -3.38 5.09 -17.93
C ARG A 90 -2.73 3.72 -18.13
N ARG A 91 -3.43 2.67 -17.72
CA ARG A 91 -2.89 1.31 -17.75
C ARG A 91 -2.63 0.90 -19.21
N LYS A 92 -3.59 1.23 -20.09
CA LYS A 92 -3.46 0.95 -21.53
C LYS A 92 -2.32 1.74 -22.17
N GLU A 93 -2.13 3.01 -21.78
CA GLU A 93 -0.98 3.79 -22.24
C GLU A 93 0.34 3.14 -21.86
N VAL A 94 0.49 2.73 -20.59
CA VAL A 94 1.70 2.14 -20.10
C VAL A 94 1.93 0.82 -20.81
N SER A 95 0.89 0.04 -20.95
CA SER A 95 0.98 -1.27 -21.59
C SER A 95 1.56 -1.14 -23.01
N GLU A 96 1.03 -0.16 -23.74
CA GLU A 96 1.50 0.13 -25.11
C GLU A 96 2.94 0.58 -25.20
N GLU A 97 3.48 1.14 -24.12
CA GLU A 97 4.87 1.56 -24.07
C GLU A 97 5.82 0.46 -23.54
N ASN A 98 5.27 -0.73 -23.22
CA ASN A 98 6.07 -1.78 -22.60
C ASN A 98 5.67 -3.17 -23.11
N HIS A 99 5.88 -3.37 -24.41
CA HIS A 99 5.53 -4.62 -25.12
C HIS A 99 4.21 -5.26 -24.66
N ASN A 100 3.16 -4.46 -24.61
CA ASN A 100 1.81 -4.91 -24.20
C ASN A 100 1.74 -5.56 -22.83
N HIS A 101 2.44 -4.97 -21.87
CA HIS A 101 2.58 -5.51 -20.52
C HIS A 101 2.50 -4.37 -19.51
N ALA A 102 1.32 -4.25 -18.91
CA ALA A 102 1.09 -3.28 -17.84
C ALA A 102 1.93 -3.55 -16.61
N ASN A 103 2.30 -4.82 -16.38
CA ASN A 103 3.05 -5.23 -15.20
C ASN A 103 2.27 -4.80 -13.97
N GLU A 104 1.00 -5.25 -13.93
CA GLU A 104 0.08 -4.91 -12.86
C GLU A 104 0.23 -5.79 -11.64
N ARG A 105 0.33 -5.17 -10.48
CA ARG A 105 0.47 -5.90 -9.23
C ARG A 105 -0.63 -5.51 -8.25
N MET A 106 -0.82 -6.33 -7.21
CA MET A 106 -1.65 -5.97 -6.04
C MET A 106 -0.70 -5.75 -4.88
N LEU A 107 -0.74 -4.54 -4.32
CA LEU A 107 0.23 -4.12 -3.33
C LEU A 107 -0.44 -3.28 -2.24
N PHE A 108 0.16 -3.30 -1.07
CA PHE A 108 -0.32 -2.52 0.08
C PHE A 108 0.11 -1.08 0.06
N HIS A 109 -0.73 -0.25 0.67
CA HIS A 109 -0.43 1.19 0.87
C HIS A 109 -0.99 1.59 2.24
N GLY A 110 -0.12 2.22 3.03
CA GLY A 110 -0.50 2.70 4.38
C GLY A 110 -0.32 4.20 4.48
N SER A 111 -1.27 4.86 5.11
CA SER A 111 -1.27 6.34 5.15
C SER A 111 -2.36 6.84 6.10
N PRO A 112 -2.11 7.96 6.82
CA PRO A 112 -3.25 8.56 7.56
C PRO A 112 -4.35 9.12 6.64
N PHE A 113 -4.11 9.17 5.33
CA PHE A 113 -5.06 9.79 4.39
C PHE A 113 -5.89 8.81 3.55
N VAL A 114 -6.08 7.61 4.07
CA VAL A 114 -6.88 6.56 3.43
C VAL A 114 -8.26 7.07 3.01
N ASN A 115 -8.90 7.83 3.90
CA ASN A 115 -10.25 8.36 3.65
CA ASN A 115 -10.25 8.17 3.58
C ASN A 115 -10.30 9.26 2.43
N ALA A 116 -9.30 10.13 2.27
CA ALA A 116 -9.24 10.96 1.06
C ALA A 116 -8.86 10.15 -0.19
N ILE A 117 -7.98 9.16 -0.06
CA ILE A 117 -7.60 8.35 -1.22
C ILE A 117 -8.81 7.63 -1.83
N ILE A 118 -9.64 6.99 -1.00
CA ILE A 118 -10.73 6.18 -1.53
C ILE A 118 -11.84 7.04 -2.21
N HIS A 119 -11.94 8.30 -1.81
CA HIS A 119 -12.94 9.22 -2.40
C HIS A 119 -12.45 9.99 -3.59
N LYS A 120 -11.22 10.45 -3.57
CA LYS A 120 -10.70 11.35 -4.60
C LYS A 120 -9.54 10.78 -5.42
N GLY A 121 -9.05 9.59 -5.04
CA GLY A 121 -7.92 8.95 -5.73
C GLY A 121 -6.56 9.30 -5.16
N PHE A 122 -5.54 8.62 -5.70
CA PHE A 122 -4.15 9.00 -5.39
C PHE A 122 -3.76 10.26 -6.17
N ASP A 123 -3.07 11.15 -5.50
CA ASP A 123 -2.48 12.35 -6.11
C ASP A 123 -1.20 12.76 -5.38
N GLU A 124 -0.62 13.90 -5.77
CA GLU A 124 0.68 14.37 -5.22
C GLU A 124 0.74 14.55 -3.70
N ARG A 125 -0.40 14.84 -3.08
CA ARG A 125 -0.44 14.96 -1.62
C ARG A 125 -0.27 13.64 -0.88
N HIS A 126 -0.36 12.52 -1.61
CA HIS A 126 -0.10 11.20 -1.03
C HIS A 126 1.30 10.71 -1.34
N ALA A 127 2.10 11.59 -1.97
CA ALA A 127 3.50 11.34 -2.24
C ALA A 127 4.33 11.46 -0.96
N TYR A 128 5.33 10.59 -0.85
CA TYR A 128 6.28 10.59 0.26
C TYR A 128 7.46 11.36 -0.29
N ILE A 129 7.47 12.66 0.01
CA ILE A 129 8.42 13.59 -0.61
C ILE A 129 9.84 13.17 -0.27
N GLY A 130 10.06 12.66 0.94
CA GLY A 130 11.40 12.31 1.38
C GLY A 130 11.77 10.83 1.34
N GLY A 131 11.03 10.01 0.62
CA GLY A 131 11.34 8.60 0.61
C GLY A 131 12.64 8.25 -0.12
N MET A 132 13.18 7.08 0.18
CA MET A 132 14.44 6.58 -0.41
C MET A 132 14.51 6.54 -1.94
N PHE A 133 13.36 6.33 -2.58
CA PHE A 133 13.34 6.15 -4.03
C PHE A 133 12.68 7.31 -4.73
N GLY A 134 12.73 8.48 -4.10
CA GLY A 134 12.22 9.68 -4.70
C GLY A 134 10.82 10.08 -4.26
N ALA A 135 10.45 11.28 -4.65
CA ALA A 135 9.19 11.89 -4.26
C ALA A 135 8.04 11.25 -5.06
N GLY A 136 7.49 10.15 -4.56
CA GLY A 136 6.39 9.50 -5.28
C GLY A 136 5.47 8.81 -4.29
N ILE A 137 4.58 7.99 -4.83
CA ILE A 137 3.60 7.25 -4.03
C ILE A 137 4.12 5.81 -3.79
N TYR A 138 4.28 5.43 -2.53
CA TYR A 138 4.93 4.17 -2.13
C TYR A 138 3.94 3.04 -1.84
N PHE A 139 4.30 1.84 -2.29
CA PHE A 139 3.51 0.64 -2.11
C PHE A 139 4.47 -0.46 -1.66
N ALA A 140 3.93 -1.49 -0.98
CA ALA A 140 4.74 -2.57 -0.45
C ALA A 140 4.15 -3.98 -0.67
N GLU A 141 5.06 -4.94 -0.86
CA GLU A 141 4.68 -6.36 -0.89
C GLU A 141 4.46 -6.86 0.55
N ASN A 142 5.20 -6.33 1.53
CA ASN A 142 4.99 -6.70 2.93
C ASN A 142 3.88 -5.81 3.52
N SER A 143 2.74 -6.41 3.89
CA SER A 143 1.69 -5.63 4.57
C SER A 143 2.27 -4.90 5.81
N SER A 144 3.18 -5.56 6.51
CA SER A 144 3.77 -4.98 7.69
C SER A 144 4.70 -3.75 7.45
N LYS A 145 5.25 -3.59 6.22
CA LYS A 145 5.94 -2.39 5.79
C LYS A 145 4.92 -1.25 5.68
N SER A 146 3.76 -1.49 5.02
CA SER A 146 2.73 -0.48 4.88
C SER A 146 2.15 -0.09 6.24
N ASN A 147 2.04 -1.07 7.13
CA ASN A 147 1.58 -0.80 8.48
C ASN A 147 2.43 0.23 9.23
N GLN A 148 3.73 0.27 8.94
CA GLN A 148 4.62 1.28 9.56
C GLN A 148 4.26 2.75 9.21
N TYR A 149 3.43 2.95 8.19
CA TYR A 149 3.08 4.30 7.67
C TYR A 149 1.65 4.74 8.01
N VAL A 150 0.87 3.84 8.59
CA VAL A 150 -0.54 4.10 8.85
C VAL A 150 -0.76 5.37 9.72
N TYR A 151 0.06 5.56 10.74
CA TYR A 151 -0.04 6.73 11.60
C TYR A 151 0.95 7.84 11.27
N GLY A 152 1.56 7.78 10.09
CA GLY A 152 2.52 8.78 9.64
C GLY A 152 3.88 8.20 9.32
N ILE A 153 4.79 9.06 8.86
CA ILE A 153 6.15 8.65 8.55
C ILE A 153 6.78 8.13 9.82
N GLY A 154 7.39 6.96 9.70
CA GLY A 154 7.94 6.26 10.82
C GLY A 154 6.94 5.98 11.95
N GLY A 155 5.67 5.81 11.59
CA GLY A 155 4.60 5.63 12.57
C GLY A 155 4.11 6.89 13.30
N GLY A 156 4.68 8.05 12.99
CA GLY A 156 4.32 9.32 13.67
C GLY A 156 4.38 9.17 15.17
N THR A 157 3.34 9.68 15.84
CA THR A 157 3.19 9.52 17.28
C THR A 157 2.22 8.38 17.65
N GLY A 158 1.92 7.49 16.69
CA GLY A 158 1.11 6.32 16.95
C GLY A 158 -0.36 6.69 16.90
N CYS A 159 -1.20 5.86 17.51
CA CYS A 159 -2.64 6.06 17.42
C CYS A 159 -3.05 7.42 17.97
N PRO A 160 -4.15 7.99 17.45
CA PRO A 160 -4.65 9.25 18.01
C PRO A 160 -5.07 9.19 19.50
N VAL A 161 -5.68 8.09 19.95
CA VAL A 161 -6.25 7.98 21.30
C VAL A 161 -5.19 7.78 22.35
N HIS A 162 -4.25 6.85 22.10
CA HIS A 162 -3.27 6.45 23.13
C HIS A 162 -1.81 6.89 22.84
N LYS A 163 -1.55 7.55 21.71
CA LYS A 163 -0.17 7.91 21.29
C LYS A 163 0.77 6.70 21.35
N ASP A 164 0.25 5.56 20.91
CA ASP A 164 0.96 4.30 20.97
C ASP A 164 1.18 3.74 19.54
N ARG A 165 2.44 3.70 19.07
CA ARG A 165 2.75 3.07 17.76
C ARG A 165 2.45 1.56 17.72
N SER A 166 2.44 0.92 18.89
CA SER A 166 2.10 -0.49 19.02
C SER A 166 0.73 -0.71 19.64
N CYS A 167 -0.19 0.19 19.37
CA CYS A 167 -1.54 0.08 19.95
C CYS A 167 -2.22 -1.19 19.45
N TYR A 168 -2.68 -2.01 20.40
CA TYR A 168 -3.47 -3.22 20.12
C TYR A 168 -5.00 -3.03 20.18
N ILE A 169 -5.42 -1.85 20.57
CA ILE A 169 -6.83 -1.52 20.74
C ILE A 169 -7.44 -0.83 19.52
N CYS A 170 -6.79 0.25 19.09
CA CYS A 170 -7.32 1.09 18.06
C CYS A 170 -7.30 0.42 16.69
N HIS A 171 -8.33 0.74 15.92
CA HIS A 171 -8.50 0.17 14.60
C HIS A 171 -7.60 0.90 13.59
N ARG A 172 -6.88 0.12 12.79
CA ARG A 172 -6.05 0.62 11.71
C ARG A 172 -6.65 0.32 10.36
N GLN A 173 -6.24 1.08 9.35
CA GLN A 173 -6.67 0.78 7.96
C GLN A 173 -5.53 0.76 6.96
N LEU A 174 -5.48 -0.26 6.08
CA LEU A 174 -4.58 -0.30 4.91
C LEU A 174 -5.42 -0.36 3.67
N LEU A 175 -4.82 0.04 2.55
CA LEU A 175 -5.38 -0.20 1.25
C LEU A 175 -4.58 -1.31 0.56
N PHE A 176 -5.30 -2.19 -0.11
CA PHE A 176 -4.70 -3.20 -0.99
C PHE A 176 -5.12 -2.79 -2.39
N CYS A 177 -4.12 -2.37 -3.17
CA CYS A 177 -4.31 -1.60 -4.39
C CYS A 177 -3.86 -2.31 -5.64
N ARG A 178 -4.49 -1.98 -6.74
CA ARG A 178 -4.08 -2.43 -8.04
C ARG A 178 -3.15 -1.37 -8.58
N VAL A 179 -1.91 -1.77 -8.91
CA VAL A 179 -0.87 -0.83 -9.30
C VAL A 179 -0.19 -1.22 -10.64
N THR A 180 -0.12 -0.26 -11.56
CA THR A 180 0.53 -0.45 -12.84
C THR A 180 2.00 -0.05 -12.71
N LEU A 181 2.91 -1.01 -12.86
CA LEU A 181 4.34 -0.70 -12.76
C LEU A 181 5.05 -0.39 -14.13
N GLY A 182 4.49 -0.84 -15.25
CA GLY A 182 5.11 -0.78 -16.58
C GLY A 182 6.56 -1.24 -16.49
N LYS A 183 7.46 -0.53 -17.18
CA LYS A 183 8.88 -0.76 -17.07
C LYS A 183 9.36 -0.16 -15.81
N SER A 184 9.78 -1.01 -14.89
CA SER A 184 10.17 -0.55 -13.58
C SER A 184 11.68 -0.48 -13.44
N PHE A 185 12.17 0.67 -13.03
CA PHE A 185 13.57 0.85 -12.75
C PHE A 185 13.98 0.09 -11.51
N LEU A 186 14.96 -0.82 -11.65
CA LEU A 186 15.40 -1.58 -10.52
C LEU A 186 16.47 -0.87 -9.72
N GLN A 187 16.11 -0.49 -8.51
CA GLN A 187 17.00 0.14 -7.60
C GLN A 187 17.22 -0.82 -6.48
N PHE A 188 18.41 -1.37 -6.36
CA PHE A 188 18.71 -2.21 -5.23
C PHE A 188 18.91 -1.27 -4.05
N SER A 189 18.47 -1.69 -2.88
CA SER A 189 18.50 -0.79 -1.73
C SER A 189 19.37 -1.49 -0.75
N ALA A 190 19.98 -0.70 0.13
CA ALA A 190 20.89 -1.21 1.15
C ALA A 190 20.13 -1.72 2.39
N MET A 191 18.80 -1.76 2.35
CA MET A 191 17.97 -2.28 3.46
C MET A 191 17.79 -3.85 3.53
N MET A 193 5.63 16.19 -6.76
CA MET A 193 6.00 14.84 -7.18
C MET A 193 7.09 14.81 -8.26
N ALA A 194 8.02 13.86 -8.13
CA ALA A 194 9.11 13.67 -9.09
C ALA A 194 8.58 13.04 -10.38
N HIS A 195 9.50 12.72 -11.29
CA HIS A 195 9.13 11.96 -12.48
C HIS A 195 9.81 10.62 -12.38
N SER A 196 9.25 9.62 -13.07
CA SER A 196 9.91 8.34 -13.22
C SER A 196 11.25 8.59 -13.90
N PRO A 197 12.23 7.71 -13.65
CA PRO A 197 13.42 7.78 -14.48
C PRO A 197 13.05 7.70 -15.96
N PRO A 198 13.75 8.47 -16.82
CA PRO A 198 13.43 8.44 -18.25
C PRO A 198 13.28 7.01 -18.80
N GLY A 199 12.28 6.83 -19.65
CA GLY A 199 11.99 5.54 -20.25
C GLY A 199 11.30 4.55 -19.32
N HIS A 200 11.10 4.90 -18.04
CA HIS A 200 10.46 3.98 -17.05
C HIS A 200 9.12 4.51 -16.55
N HIS A 201 8.32 3.63 -15.92
CA HIS A 201 6.99 4.02 -15.42
C HIS A 201 6.85 3.94 -13.89
N SER A 202 7.88 3.44 -13.23
CA SER A 202 7.86 3.20 -11.79
C SER A 202 9.24 2.88 -11.36
N VAL A 203 9.44 2.79 -10.04
CA VAL A 203 10.69 2.33 -9.47
C VAL A 203 10.43 1.13 -8.54
N THR A 204 11.29 0.13 -8.64
CA THR A 204 11.39 -0.99 -7.72
C THR A 204 12.52 -0.82 -6.74
N GLY A 205 12.14 -0.70 -5.46
CA GLY A 205 13.08 -0.67 -4.37
C GLY A 205 13.25 -2.05 -3.78
N ARG A 206 14.36 -2.73 -4.11
CA ARG A 206 14.51 -4.13 -3.80
C ARG A 206 15.58 -4.28 -2.74
N PRO A 207 15.18 -4.64 -1.49
CA PRO A 207 16.18 -4.78 -0.43
C PRO A 207 17.25 -5.82 -0.77
N SER A 208 18.53 -5.48 -0.60
CA SER A 208 19.61 -6.42 -0.97
C SER A 208 20.33 -7.01 0.21
N VAL A 209 20.10 -6.45 1.41
CA VAL A 209 20.75 -6.93 2.65
C VAL A 209 19.86 -7.90 3.42
N ASN A 210 18.66 -7.44 3.75
CA ASN A 210 17.72 -8.34 4.41
C ASN A 210 17.04 -9.20 3.35
N GLY A 211 17.45 -10.46 3.26
CA GLY A 211 17.00 -11.35 2.18
C GLY A 211 15.58 -11.90 2.38
N LEU A 212 14.96 -11.56 3.52
CA LEU A 212 13.51 -11.85 3.79
C LEU A 212 12.55 -10.63 3.61
N ALA A 213 13.10 -9.46 3.31
CA ALA A 213 12.29 -8.29 3.07
C ALA A 213 11.87 -8.27 1.62
N LEU A 214 10.57 -8.03 1.37
CA LEU A 214 10.07 -8.00 0.01
C LEU A 214 10.23 -6.59 -0.52
N ALA A 215 9.90 -6.38 -1.79
CA ALA A 215 10.12 -5.12 -2.46
C ALA A 215 9.12 -4.04 -2.11
N GLU A 216 9.55 -2.80 -2.34
CA GLU A 216 8.65 -1.61 -2.40
C GLU A 216 8.69 -1.05 -3.77
N TYR A 217 7.61 -0.38 -4.15
CA TYR A 217 7.48 0.21 -5.45
C TYR A 217 7.02 1.65 -5.34
N VAL A 218 7.52 2.48 -6.22
CA VAL A 218 7.12 3.90 -6.28
C VAL A 218 6.57 4.26 -7.62
N ILE A 219 5.42 4.91 -7.64
CA ILE A 219 4.84 5.44 -8.87
C ILE A 219 4.78 6.97 -8.73
N TYR A 220 4.70 7.64 -9.86
CA TYR A 220 4.77 9.12 -9.91
C TYR A 220 3.55 9.74 -10.56
N ARG A 221 2.61 8.92 -10.99
CA ARG A 221 1.31 9.39 -11.43
C ARG A 221 0.26 8.67 -10.59
N GLY A 222 -0.66 9.45 -10.01
CA GLY A 222 -1.68 8.90 -9.12
C GLY A 222 -2.61 7.94 -9.83
N GLU A 223 -2.71 8.13 -11.14
CA GLU A 223 -3.59 7.32 -11.99
C GLU A 223 -3.06 5.92 -12.25
N GLN A 224 -1.83 5.62 -11.84
CA GLN A 224 -1.28 4.27 -11.96
C GLN A 224 -1.58 3.37 -10.76
N ALA A 225 -2.48 3.81 -9.87
CA ALA A 225 -2.94 2.94 -8.79
C ALA A 225 -4.47 3.10 -8.57
N TYR A 226 -5.13 2.00 -8.26
CA TYR A 226 -6.56 2.02 -7.88
C TYR A 226 -6.71 1.33 -6.51
N PRO A 227 -7.28 2.04 -5.51
CA PRO A 227 -7.43 1.44 -4.17
C PRO A 227 -8.59 0.47 -4.12
N GLU A 228 -8.36 -0.77 -4.50
CA GLU A 228 -9.40 -1.78 -4.60
C GLU A 228 -10.06 -2.17 -3.30
N TYR A 229 -9.27 -2.40 -2.25
CA TYR A 229 -9.80 -2.88 -0.96
C TYR A 229 -9.38 -1.98 0.18
N LEU A 230 -10.33 -1.67 1.07
CA LEU A 230 -10.07 -1.02 2.34
C LEU A 230 -10.11 -2.06 3.46
N ILE A 231 -8.97 -2.26 4.14
CA ILE A 231 -8.85 -3.33 5.16
C ILE A 231 -8.78 -2.68 6.51
N THR A 232 -9.74 -3.00 7.38
CA THR A 232 -9.78 -2.54 8.77
C THR A 232 -9.34 -3.66 9.70
N TYR A 233 -8.40 -3.36 10.60
CA TYR A 233 -7.68 -4.38 11.38
C TYR A 233 -7.08 -3.85 12.67
N GLN A 234 -6.73 -4.77 13.54
CA GLN A 234 -5.84 -4.46 14.67
C GLN A 234 -4.62 -5.35 14.54
N ILE A 235 -3.46 -4.87 15.02
CA ILE A 235 -2.31 -5.72 15.14
C ILE A 235 -2.57 -6.53 16.41
N MET A 236 -2.03 -7.74 16.52
CA MET A 236 -2.27 -8.61 17.67
C MET A 236 -0.99 -8.76 18.50
N ARG A 237 -1.15 -8.59 19.81
CA ARG A 237 -0.05 -8.78 20.76
C ARG A 237 0.38 -10.24 20.71
N PRO A 238 1.68 -10.49 20.48
CA PRO A 238 2.12 -11.90 20.50
C PRO A 238 1.92 -12.61 21.87
N GLU A 239 1.69 -13.91 21.81
CA GLU A 239 1.60 -14.77 23.01
C GLU A 239 2.98 -15.20 23.45
ZN ZN B . -4.80 3.36 20.55
S SO4 C . 12.66 -2.46 8.14
O1 SO4 C . 13.00 -3.83 8.50
O2 SO4 C . 11.75 -2.24 7.07
O3 SO4 C . 11.92 -1.87 9.25
O4 SO4 C . 13.82 -1.64 8.01
S SO4 D . 1.26 -14.89 18.09
O1 SO4 D . 1.23 -15.15 19.54
O2 SO4 D . 0.78 -16.02 17.31
O3 SO4 D . 0.40 -13.72 17.78
O4 SO4 D . 2.65 -14.64 17.75
C1 GOL E . -3.63 -4.60 -18.01
O1 GOL E . -3.33 -4.63 -19.38
C2 GOL E . -3.73 -5.99 -17.37
O2 GOL E . -2.68 -6.16 -16.47
C3 GOL E . -5.06 -6.26 -16.66
O3 GOL E . -4.91 -6.74 -15.34
C1 GOL F . -11.68 -3.58 -10.75
O1 GOL F . -11.11 -4.86 -10.53
C2 GOL F . -12.98 -3.36 -10.00
O2 GOL F . -12.71 -3.24 -8.62
C3 GOL F . -13.74 -2.15 -10.58
O3 GOL F . -14.34 -1.35 -9.59
#